data_2Z2U
#
_entry.id   2Z2U
#
_cell.length_a   60.179
_cell.length_b   68.659
_cell.length_c   75.252
_cell.angle_alpha   90.00
_cell.angle_beta   95.75
_cell.angle_gamma   90.00
#
_symmetry.space_group_name_H-M   'C 1 2 1'
#
loop_
_entity.id
_entity.type
_entity.pdbx_description
1 polymer 'UPF0026 protein MJ0257'
2 water water
#
_entity_poly.entity_id   1
_entity_poly.type   'polypeptide(L)'
_entity_poly.pdbx_seq_one_letter_code
;MIPEEIYKILRKQRYQIDGHTAVKLCGWVRKKMLEDKNCYKSKFYGIETHRCIQCTPSVIWCQQNCIFCWRVLPRDIGID
ISQIKEPKWEEPEVVYEKILAMHKRIIMGYAGVLDRVGEKKFKEALEPKHVAISLSGEPTLYPYLDELIKIFHKNGFTTF
VVSNGILTDVIEKIEPTQLYISLDAYDLDSYRRICGGKKEYWESILNTLDILKEKKRTCIRTTLIRGYNDDILKFVELYE
RADVHFIELKSYMHVGYSQKRLKKEDMLQHDEILKLAKMLDENSSYKLIDDSEDSRVALLQNENRKINPKL
;
_entity_poly.pdbx_strand_id   A
#
# COMPACT_ATOMS: atom_id res chain seq x y z
N MET A 1 12.49 -3.39 21.14
CA MET A 1 11.21 -4.11 20.94
C MET A 1 11.25 -4.98 19.69
N ILE A 2 12.39 -4.96 19.00
CA ILE A 2 12.56 -5.74 17.78
C ILE A 2 13.92 -6.42 17.74
N PRO A 3 13.94 -7.73 17.46
CA PRO A 3 15.18 -8.51 17.38
C PRO A 3 16.28 -7.80 16.59
N GLU A 4 17.41 -7.57 17.24
CA GLU A 4 18.54 -6.88 16.62
C GLU A 4 18.89 -7.43 15.24
N GLU A 5 18.44 -8.64 14.93
CA GLU A 5 18.74 -9.22 13.64
C GLU A 5 17.78 -8.68 12.59
N ILE A 6 16.52 -8.52 12.99
CA ILE A 6 15.49 -8.00 12.09
C ILE A 6 15.76 -6.52 11.88
N TYR A 7 16.05 -5.82 12.97
CA TYR A 7 16.34 -4.40 12.97
C TYR A 7 17.37 -4.01 11.91
N LYS A 8 18.53 -4.67 11.97
CA LYS A 8 19.63 -4.40 11.06
C LYS A 8 19.26 -4.67 9.60
N ILE A 9 18.15 -5.39 9.40
CA ILE A 9 17.67 -5.69 8.06
C ILE A 9 16.76 -4.54 7.63
N LEU A 10 16.05 -3.97 8.59
CA LEU A 10 15.14 -2.85 8.35
C LEU A 10 15.93 -1.57 8.15
N ARG A 11 16.90 -1.31 9.03
CA ARG A 11 17.72 -0.11 8.91
C ARG A 11 18.42 -0.13 7.56
N LYS A 12 18.88 -1.31 7.16
CA LYS A 12 19.55 -1.47 5.88
C LYS A 12 18.54 -1.10 4.79
N GLN A 13 17.26 -1.13 5.15
CA GLN A 13 16.18 -0.79 4.21
C GLN A 13 15.75 0.66 4.38
N ARG A 14 16.46 1.40 5.23
CA ARG A 14 16.17 2.81 5.49
C ARG A 14 14.88 3.00 6.28
N TYR A 15 14.50 1.99 7.05
CA TYR A 15 13.31 2.06 7.87
C TYR A 15 13.55 2.84 9.15
N GLN A 16 12.59 3.68 9.52
CA GLN A 16 12.67 4.44 10.76
C GLN A 16 11.74 3.65 11.65
N ILE A 17 12.13 3.40 12.88
CA ILE A 17 11.30 2.62 13.78
C ILE A 17 11.09 3.28 15.14
N ASP A 18 9.93 3.03 15.73
CA ASP A 18 9.59 3.57 17.05
C ASP A 18 8.49 2.69 17.63
N GLY A 19 8.86 1.79 18.54
CA GLY A 19 7.88 0.91 19.14
C GLY A 19 7.43 -0.13 18.12
N HIS A 20 6.13 -0.22 17.91
CA HIS A 20 5.58 -1.14 16.93
C HIS A 20 5.23 -0.42 15.62
N THR A 21 5.72 0.80 15.49
CA THR A 21 5.47 1.64 14.32
C THR A 21 6.73 1.95 13.50
N ALA A 22 6.55 2.11 12.20
CA ALA A 22 7.67 2.42 11.30
C ALA A 22 7.24 3.32 10.15
N VAL A 23 8.23 4.00 9.58
CA VAL A 23 8.01 4.88 8.45
C VAL A 23 9.26 4.84 7.58
N LYS A 24 9.08 5.02 6.29
CA LYS A 24 10.18 5.00 5.35
C LYS A 24 9.87 5.99 4.25
N LEU A 25 10.86 6.75 3.82
CA LEU A 25 10.61 7.71 2.76
C LEU A 25 10.66 7.02 1.41
N CYS A 26 9.57 7.14 0.66
CA CYS A 26 9.48 6.54 -0.67
C CYS A 26 10.71 6.93 -1.48
N GLY A 27 11.43 5.93 -1.98
CA GLY A 27 12.62 6.18 -2.77
C GLY A 27 12.44 7.23 -3.85
N TRP A 28 11.19 7.50 -4.23
CA TRP A 28 10.90 8.48 -5.26
C TRP A 28 10.86 9.91 -4.73
N VAL A 29 10.86 10.07 -3.41
CA VAL A 29 10.80 11.39 -2.81
C VAL A 29 11.98 12.32 -3.15
N ARG A 30 13.19 11.78 -3.16
CA ARG A 30 14.37 12.58 -3.49
C ARG A 30 14.28 13.06 -4.93
N LYS A 31 13.81 12.17 -5.79
CA LYS A 31 13.67 12.47 -7.21
C LYS A 31 12.69 13.63 -7.44
N LYS A 32 11.73 13.78 -6.55
CA LYS A 32 10.75 14.86 -6.64
C LYS A 32 11.34 16.17 -6.11
N MET A 33 11.98 16.09 -4.95
CA MET A 33 12.58 17.25 -4.32
C MET A 33 13.63 17.88 -5.24
N LEU A 34 14.58 17.06 -5.69
CA LEU A 34 15.64 17.54 -6.54
C LEU A 34 15.28 17.68 -8.01
N GLU A 35 15.02 16.55 -8.65
CA GLU A 35 14.72 16.51 -10.07
C GLU A 35 13.29 16.88 -10.49
N ASP A 36 12.43 17.16 -9.53
CA ASP A 36 11.04 17.54 -9.81
C ASP A 36 10.29 16.41 -10.54
N LYS A 37 10.77 15.18 -10.36
CA LYS A 37 10.16 14.00 -10.97
C LYS A 37 9.03 13.44 -10.10
N ASN A 38 8.05 12.82 -10.73
CA ASN A 38 6.91 12.24 -10.02
C ASN A 38 6.93 10.71 -10.09
N CYS A 39 6.28 10.06 -9.11
CA CYS A 39 6.21 8.59 -9.07
C CYS A 39 4.88 8.07 -9.61
N TYR A 40 4.65 6.77 -9.54
CA TYR A 40 3.40 6.20 -10.05
C TYR A 40 2.23 6.68 -9.19
N LYS A 41 2.50 7.05 -7.95
CA LYS A 41 1.46 7.55 -7.06
C LYS A 41 0.92 8.86 -7.63
N SER A 42 1.84 9.69 -8.12
CA SER A 42 1.49 10.97 -8.71
C SER A 42 0.81 10.73 -10.06
N LYS A 43 1.30 9.73 -10.78
CA LYS A 43 0.79 9.38 -12.09
C LYS A 43 -0.61 8.77 -12.07
N PHE A 44 -0.82 7.74 -11.25
CA PHE A 44 -2.11 7.07 -11.14
C PHE A 44 -3.20 7.87 -10.41
N TYR A 45 -2.82 8.44 -9.27
CA TYR A 45 -3.78 9.14 -8.42
C TYR A 45 -3.70 10.64 -8.14
N GLY A 46 -2.70 11.31 -8.70
CA GLY A 46 -2.57 12.75 -8.48
C GLY A 46 -2.03 13.14 -7.12
N ILE A 47 -1.40 12.19 -6.44
CA ILE A 47 -0.84 12.44 -5.12
C ILE A 47 0.52 13.13 -5.25
N GLU A 48 0.77 14.13 -4.41
CA GLU A 48 2.05 14.83 -4.44
C GLU A 48 3.12 13.97 -3.78
N THR A 49 3.99 13.38 -4.60
CA THR A 49 5.06 12.52 -4.13
C THR A 49 5.78 13.01 -2.87
N HIS A 50 6.29 14.23 -2.90
CA HIS A 50 7.03 14.75 -1.74
C HIS A 50 6.16 15.08 -0.53
N ARG A 51 4.86 14.88 -0.63
CA ARG A 51 3.98 15.17 0.50
C ARG A 51 3.27 13.90 0.96
N CYS A 52 3.90 12.76 0.69
CA CYS A 52 3.35 11.47 1.05
C CYS A 52 4.22 10.72 2.05
N ILE A 53 3.57 10.21 3.10
CA ILE A 53 4.21 9.45 4.16
C ILE A 53 3.94 7.95 3.93
N GLN A 54 4.99 7.14 3.99
CA GLN A 54 4.85 5.69 3.83
C GLN A 54 5.10 5.15 5.23
N CYS A 55 4.17 4.37 5.76
CA CYS A 55 4.32 3.87 7.13
C CYS A 55 3.54 2.60 7.44
N THR A 56 3.60 2.19 8.70
CA THR A 56 2.89 1.02 9.17
C THR A 56 2.82 1.00 10.70
N PRO A 57 1.65 0.65 11.26
CA PRO A 57 1.43 0.57 12.71
C PRO A 57 1.80 -0.79 13.29
N SER A 58 2.21 -1.72 12.41
CA SER A 58 2.62 -3.06 12.80
C SER A 58 3.79 -3.50 11.94
N VAL A 59 4.98 -3.04 12.30
CA VAL A 59 6.21 -3.32 11.55
C VAL A 59 6.52 -4.76 11.16
N ILE A 60 6.60 -5.66 12.14
CA ILE A 60 6.94 -7.06 11.88
C ILE A 60 5.87 -8.07 12.26
N TRP A 61 4.67 -7.62 12.56
CA TRP A 61 3.61 -8.56 12.94
C TRP A 61 2.58 -8.76 11.85
N CYS A 62 2.53 -9.99 11.32
CA CYS A 62 1.60 -10.35 10.27
C CYS A 62 1.30 -11.85 10.31
N GLN A 63 0.04 -12.23 10.07
CA GLN A 63 -0.34 -13.63 10.08
C GLN A 63 0.37 -14.38 8.95
N GLN A 64 -0.20 -14.30 7.75
CA GLN A 64 0.38 -14.96 6.58
C GLN A 64 1.76 -14.41 6.27
N ASN A 65 2.40 -14.96 5.24
CA ASN A 65 3.74 -14.52 4.84
C ASN A 65 4.28 -15.36 3.69
N SER A 82 7.82 -14.74 12.99
CA SER A 82 6.40 -14.95 13.21
C SER A 82 6.12 -15.60 14.55
N GLN A 83 7.18 -15.90 15.30
CA GLN A 83 7.03 -16.50 16.62
C GLN A 83 6.96 -15.40 17.66
N ILE A 84 7.22 -14.17 17.24
CA ILE A 84 7.18 -13.02 18.13
C ILE A 84 5.72 -12.66 18.43
N LYS A 85 5.40 -12.55 19.72
CA LYS A 85 4.04 -12.22 20.11
C LYS A 85 3.76 -10.76 19.86
N GLU A 86 2.46 -10.45 19.69
CA GLU A 86 2.01 -9.10 19.45
C GLU A 86 2.37 -8.22 20.64
N PRO A 87 2.68 -6.94 20.39
CA PRO A 87 3.05 -5.98 21.43
C PRO A 87 1.86 -5.30 22.10
N LYS A 88 2.15 -4.41 23.04
CA LYS A 88 1.13 -3.65 23.75
C LYS A 88 0.82 -2.43 22.89
N TRP A 89 -0.04 -2.63 21.90
CA TRP A 89 -0.41 -1.58 20.97
C TRP A 89 -0.66 -0.25 21.67
N GLU A 90 -0.01 0.79 21.17
CA GLU A 90 -0.16 2.13 21.72
C GLU A 90 -1.42 2.79 21.15
N GLU A 91 -1.98 3.73 21.91
CA GLU A 91 -3.18 4.43 21.48
C GLU A 91 -2.96 5.10 20.13
N PRO A 92 -4.03 5.24 19.34
CA PRO A 92 -3.93 5.86 18.01
C PRO A 92 -3.26 7.23 17.97
N GLU A 93 -3.69 8.14 18.86
CA GLU A 93 -3.11 9.47 18.90
C GLU A 93 -1.60 9.47 19.07
N VAL A 94 -1.06 8.44 19.70
CA VAL A 94 0.38 8.35 19.91
C VAL A 94 1.07 7.74 18.69
N VAL A 95 0.37 6.86 18.00
CA VAL A 95 0.91 6.24 16.79
C VAL A 95 1.02 7.36 15.76
N TYR A 96 -0.06 8.14 15.67
CA TYR A 96 -0.12 9.27 14.76
C TYR A 96 1.06 10.22 14.94
N GLU A 97 1.33 10.61 16.18
CA GLU A 97 2.42 11.54 16.45
C GLU A 97 3.79 10.94 16.12
N LYS A 98 3.95 9.64 16.39
CA LYS A 98 5.20 8.97 16.09
C LYS A 98 5.48 8.96 14.58
N ILE A 99 4.44 8.68 13.79
CA ILE A 99 4.57 8.64 12.33
C ILE A 99 4.96 10.01 11.79
N LEU A 100 4.23 11.04 12.19
CA LEU A 100 4.51 12.41 11.74
C LEU A 100 5.91 12.87 12.16
N ALA A 101 6.30 12.54 13.38
CA ALA A 101 7.61 12.91 13.90
C ALA A 101 8.74 12.18 13.19
N MET A 102 8.53 10.91 12.88
CA MET A 102 9.57 10.13 12.20
C MET A 102 9.73 10.63 10.77
N HIS A 103 8.60 10.95 10.12
CA HIS A 103 8.64 11.43 8.74
C HIS A 103 9.37 12.78 8.70
N LYS A 104 9.05 13.62 9.67
CA LYS A 104 9.65 14.95 9.82
C LYS A 104 11.17 14.85 9.86
N ARG A 105 11.69 13.90 10.62
CA ARG A 105 13.13 13.70 10.76
C ARG A 105 13.83 13.46 9.43
N ILE A 106 13.24 12.60 8.60
CA ILE A 106 13.82 12.32 7.30
C ILE A 106 13.81 13.57 6.45
N ILE A 107 12.67 14.25 6.43
CA ILE A 107 12.51 15.48 5.66
C ILE A 107 13.44 16.58 6.14
N MET A 108 13.91 16.46 7.38
CA MET A 108 14.81 17.45 7.94
C MET A 108 16.15 17.37 7.20
N GLY A 109 16.47 16.18 6.70
CA GLY A 109 17.70 15.99 5.95
C GLY A 109 17.81 16.87 4.73
N TYR A 110 16.66 17.25 4.17
CA TYR A 110 16.64 18.10 2.98
C TYR A 110 16.93 19.56 3.30
N ALA A 111 17.05 19.87 4.59
CA ALA A 111 17.33 21.26 5.00
C ALA A 111 18.67 21.68 4.43
N GLY A 112 19.56 20.71 4.24
CA GLY A 112 20.89 20.98 3.71
C GLY A 112 20.95 21.19 2.22
N VAL A 113 19.81 21.09 1.53
CA VAL A 113 19.78 21.26 0.09
C VAL A 113 18.66 22.21 -0.31
N LEU A 114 18.28 23.06 0.63
CA LEU A 114 17.22 24.04 0.41
C LEU A 114 17.47 24.86 -0.85
N ASP A 115 18.73 25.15 -1.14
CA ASP A 115 19.08 25.95 -2.31
C ASP A 115 18.87 25.16 -3.59
N ARG A 116 18.64 23.86 -3.44
CA ARG A 116 18.38 22.99 -4.57
C ARG A 116 16.89 22.76 -4.66
N VAL A 117 16.30 22.37 -3.53
CA VAL A 117 14.87 22.08 -3.43
C VAL A 117 14.00 23.32 -3.58
N GLY A 118 14.31 24.36 -2.82
CA GLY A 118 13.52 25.56 -2.87
C GLY A 118 12.62 25.56 -1.66
N GLU A 119 12.33 26.74 -1.12
CA GLU A 119 11.49 26.84 0.06
C GLU A 119 10.04 26.38 -0.12
N LYS A 120 9.52 26.45 -1.35
CA LYS A 120 8.15 26.03 -1.58
C LYS A 120 8.00 24.53 -1.35
N LYS A 121 8.79 23.73 -2.07
CA LYS A 121 8.73 22.28 -1.95
C LYS A 121 9.17 21.71 -0.60
N PHE A 122 10.04 22.43 0.09
CA PHE A 122 10.51 21.98 1.39
C PHE A 122 9.39 22.18 2.41
N LYS A 123 8.73 23.32 2.33
CA LYS A 123 7.62 23.65 3.21
C LYS A 123 6.49 22.64 2.99
N GLU A 124 6.20 22.33 1.72
CA GLU A 124 5.15 21.38 1.39
C GLU A 124 5.47 19.98 1.92
N ALA A 125 6.76 19.63 1.98
CA ALA A 125 7.17 18.32 2.48
C ALA A 125 7.10 18.28 4.00
N LEU A 126 7.23 19.44 4.63
CA LEU A 126 7.15 19.51 6.08
C LEU A 126 5.68 19.46 6.51
N GLU A 127 4.79 19.48 5.53
CA GLU A 127 3.35 19.40 5.77
C GLU A 127 2.69 18.36 4.86
N PRO A 128 2.97 17.07 5.10
CA PRO A 128 2.41 15.96 4.30
C PRO A 128 0.89 16.05 4.17
N LYS A 129 0.38 15.49 3.07
CA LYS A 129 -1.06 15.52 2.76
C LYS A 129 -1.63 14.14 2.57
N HIS A 130 -0.75 13.19 2.30
CA HIS A 130 -1.16 11.81 2.07
C HIS A 130 -0.33 10.87 2.94
N VAL A 131 -0.92 9.73 3.26
CA VAL A 131 -0.24 8.73 4.05
C VAL A 131 -0.61 7.37 3.49
N ALA A 132 0.42 6.55 3.30
CA ALA A 132 0.23 5.20 2.79
C ALA A 132 0.63 4.26 3.92
N ILE A 133 -0.35 3.53 4.42
CA ILE A 133 -0.17 2.58 5.50
C ILE A 133 0.01 1.25 4.78
N SER A 134 1.22 1.04 4.26
CA SER A 134 1.53 -0.16 3.51
C SER A 134 3.00 -0.51 3.59
N LEU A 135 3.71 0.08 4.55
CA LEU A 135 5.13 -0.18 4.67
C LEU A 135 5.48 -1.64 4.93
N SER A 136 5.00 -2.19 6.04
CA SER A 136 5.33 -3.57 6.37
C SER A 136 4.30 -4.20 7.30
N GLY A 137 4.32 -5.53 7.39
CA GLY A 137 3.39 -6.23 8.25
C GLY A 137 1.93 -6.02 7.87
N GLU A 138 1.03 -6.43 8.76
CA GLU A 138 -0.39 -6.29 8.50
C GLU A 138 -0.98 -5.17 9.36
N PRO A 139 -1.39 -4.06 8.74
CA PRO A 139 -1.97 -2.90 9.42
C PRO A 139 -3.19 -3.21 10.27
N THR A 140 -4.06 -4.09 9.79
CA THR A 140 -5.26 -4.43 10.50
C THR A 140 -5.04 -5.10 11.86
N LEU A 141 -3.85 -5.62 12.09
CA LEU A 141 -3.56 -6.26 13.37
C LEU A 141 -3.49 -5.18 14.46
N TYR A 142 -3.17 -3.95 14.06
CA TYR A 142 -3.13 -2.85 15.02
C TYR A 142 -4.60 -2.57 15.36
N PRO A 143 -5.03 -2.92 16.59
CA PRO A 143 -6.39 -2.75 17.09
C PRO A 143 -7.06 -1.38 16.93
N TYR A 144 -6.27 -0.30 16.90
CA TYR A 144 -6.87 1.03 16.77
C TYR A 144 -6.72 1.63 15.37
N LEU A 145 -6.63 0.78 14.35
CA LEU A 145 -6.47 1.20 12.95
C LEU A 145 -7.53 2.23 12.55
N ASP A 146 -8.80 1.87 12.76
CA ASP A 146 -9.92 2.72 12.40
C ASP A 146 -9.83 4.13 13.00
N GLU A 147 -9.46 4.23 14.27
CA GLU A 147 -9.34 5.52 14.92
C GLU A 147 -8.17 6.29 14.33
N LEU A 148 -7.08 5.58 14.05
CA LEU A 148 -5.89 6.19 13.48
C LEU A 148 -6.18 6.82 12.14
N ILE A 149 -6.94 6.11 11.31
CA ILE A 149 -7.30 6.61 9.99
C ILE A 149 -8.13 7.88 10.16
N LYS A 150 -9.13 7.81 11.04
CA LYS A 150 -10.00 8.95 11.31
C LYS A 150 -9.17 10.13 11.78
N ILE A 151 -8.11 9.86 12.54
CA ILE A 151 -7.26 10.94 13.02
C ILE A 151 -6.54 11.60 11.85
N PHE A 152 -5.98 10.79 10.95
CA PHE A 152 -5.29 11.33 9.79
C PHE A 152 -6.25 12.20 8.97
N HIS A 153 -7.48 11.73 8.82
CA HIS A 153 -8.49 12.47 8.08
C HIS A 153 -8.78 13.80 8.76
N LYS A 154 -8.82 13.77 10.08
CA LYS A 154 -9.11 14.96 10.87
C LYS A 154 -8.07 16.02 10.63
N ASN A 155 -6.85 15.59 10.31
CA ASN A 155 -5.75 16.52 10.09
C ASN A 155 -5.43 16.82 8.63
N GLY A 156 -6.39 16.58 7.74
CA GLY A 156 -6.18 16.89 6.33
C GLY A 156 -5.59 15.82 5.41
N PHE A 157 -5.22 14.68 5.95
CA PHE A 157 -4.63 13.61 5.12
C PHE A 157 -5.64 12.75 4.40
N THR A 158 -5.24 12.27 3.21
CA THR A 158 -6.05 11.31 2.47
C THR A 158 -5.33 10.03 2.91
N THR A 159 -6.00 8.89 2.87
CA THR A 159 -5.36 7.66 3.32
C THR A 159 -5.47 6.48 2.38
N PHE A 160 -4.37 5.73 2.30
CA PHE A 160 -4.32 4.52 1.48
C PHE A 160 -3.85 3.44 2.44
N VAL A 161 -4.58 2.33 2.48
CA VAL A 161 -4.21 1.24 3.36
C VAL A 161 -4.16 -0.04 2.53
N VAL A 162 -3.16 -0.86 2.81
CA VAL A 162 -3.00 -2.13 2.13
C VAL A 162 -3.17 -3.20 3.18
N SER A 163 -4.01 -4.19 2.89
CA SER A 163 -4.24 -5.28 3.84
C SER A 163 -4.38 -6.63 3.15
N ASN A 164 -4.06 -7.70 3.89
CA ASN A 164 -4.18 -9.05 3.33
C ASN A 164 -5.63 -9.54 3.39
N GLY A 165 -6.52 -8.70 3.92
CA GLY A 165 -7.92 -9.03 3.99
C GLY A 165 -8.35 -10.19 4.91
N ILE A 166 -7.41 -10.73 5.68
CA ILE A 166 -7.74 -11.83 6.59
C ILE A 166 -8.72 -11.43 7.68
N LEU A 167 -8.57 -10.22 8.23
CA LEU A 167 -9.47 -9.71 9.27
C LEU A 167 -10.64 -8.94 8.67
N THR A 168 -11.60 -9.69 8.13
CA THR A 168 -12.79 -9.12 7.51
C THR A 168 -13.44 -8.05 8.36
N ASP A 169 -13.58 -8.33 9.65
CA ASP A 169 -14.23 -7.43 10.59
C ASP A 169 -13.64 -6.01 10.60
N VAL A 170 -12.30 -5.94 10.64
CA VAL A 170 -11.61 -4.65 10.68
C VAL A 170 -11.76 -3.87 9.38
N ILE A 171 -11.77 -4.59 8.27
CA ILE A 171 -11.90 -3.96 6.96
C ILE A 171 -13.27 -3.33 6.76
N GLU A 172 -14.32 -4.06 7.11
CA GLU A 172 -15.69 -3.58 6.96
C GLU A 172 -15.94 -2.21 7.62
N LYS A 173 -15.21 -1.93 8.70
CA LYS A 173 -15.39 -0.68 9.42
C LYS A 173 -14.45 0.48 9.00
N ILE A 174 -13.19 0.18 8.72
CA ILE A 174 -12.26 1.23 8.30
C ILE A 174 -12.75 1.92 7.03
N GLU A 175 -12.61 3.24 6.98
CA GLU A 175 -13.03 3.98 5.80
C GLU A 175 -11.93 4.88 5.27
N PRO A 176 -10.89 4.29 4.67
CA PRO A 176 -9.78 5.08 4.12
C PRO A 176 -10.17 5.70 2.80
N THR A 177 -9.36 6.62 2.29
CA THR A 177 -9.65 7.24 1.01
C THR A 177 -9.64 6.11 -0.04
N GLN A 178 -8.71 5.19 0.11
CA GLN A 178 -8.61 4.07 -0.79
C GLN A 178 -8.16 2.85 -0.01
N LEU A 179 -8.84 1.74 -0.20
CA LEU A 179 -8.46 0.52 0.49
C LEU A 179 -7.90 -0.45 -0.51
N TYR A 180 -6.77 -1.05 -0.17
CA TYR A 180 -6.14 -2.04 -1.02
C TYR A 180 -6.20 -3.38 -0.31
N ILE A 181 -6.39 -4.44 -1.08
CA ILE A 181 -6.36 -5.78 -0.54
C ILE A 181 -5.34 -6.44 -1.44
N SER A 182 -4.26 -6.95 -0.86
CA SER A 182 -3.25 -7.62 -1.66
C SER A 182 -3.72 -9.05 -1.85
N LEU A 183 -3.92 -9.44 -3.11
CA LEU A 183 -4.39 -10.78 -3.45
C LEU A 183 -3.39 -11.43 -4.38
N ASP A 184 -2.33 -12.00 -3.82
CA ASP A 184 -1.31 -12.64 -4.61
C ASP A 184 -1.56 -14.11 -4.96
N ALA A 185 -2.71 -14.62 -4.55
CA ALA A 185 -3.10 -16.00 -4.85
C ALA A 185 -4.54 -16.00 -5.36
N TYR A 186 -4.88 -17.00 -6.18
CA TYR A 186 -6.23 -17.08 -6.76
C TYR A 186 -7.13 -18.18 -6.21
N ASP A 187 -6.60 -19.03 -5.33
CA ASP A 187 -7.42 -20.10 -4.77
C ASP A 187 -6.76 -20.81 -3.58
N LEU A 188 -7.60 -21.52 -2.82
CA LEU A 188 -7.18 -22.28 -1.64
C LEU A 188 -5.79 -22.88 -1.74
N ASP A 189 -5.57 -23.71 -2.74
CA ASP A 189 -4.29 -24.37 -2.91
C ASP A 189 -3.14 -23.42 -3.23
N SER A 190 -3.28 -22.60 -4.26
CA SER A 190 -2.22 -21.67 -4.65
C SER A 190 -1.75 -20.82 -3.46
N TYR A 191 -2.64 -20.62 -2.50
CA TYR A 191 -2.33 -19.85 -1.30
C TYR A 191 -1.27 -20.54 -0.46
N GLY A 196 3.54 -19.66 2.39
CA GLY A 196 2.62 -20.55 3.07
C GLY A 196 1.22 -19.98 3.22
N GLY A 197 0.52 -20.39 4.28
CA GLY A 197 -0.83 -19.91 4.53
C GLY A 197 -1.73 -20.99 5.11
N LYS A 198 -2.84 -20.60 5.72
CA LYS A 198 -3.79 -21.55 6.32
C LYS A 198 -5.17 -21.35 5.72
N LYS A 199 -5.81 -22.43 5.30
CA LYS A 199 -7.12 -22.35 4.66
C LYS A 199 -8.20 -21.58 5.42
N GLU A 200 -8.07 -21.47 6.74
CA GLU A 200 -9.08 -20.72 7.48
C GLU A 200 -8.96 -19.26 7.06
N TYR A 201 -7.72 -18.81 6.92
CA TYR A 201 -7.42 -17.45 6.51
C TYR A 201 -8.09 -17.13 5.18
N TRP A 202 -7.84 -17.99 4.20
CA TRP A 202 -8.41 -17.79 2.87
C TRP A 202 -9.94 -17.76 2.94
N GLU A 203 -10.49 -18.34 3.99
CA GLU A 203 -11.94 -18.36 4.16
C GLU A 203 -12.38 -16.97 4.60
N SER A 204 -11.49 -16.29 5.32
CA SER A 204 -11.77 -14.95 5.81
C SER A 204 -11.57 -13.96 4.65
N ILE A 205 -10.51 -14.16 3.88
CA ILE A 205 -10.21 -13.30 2.75
C ILE A 205 -11.35 -13.25 1.74
N LEU A 206 -12.03 -14.38 1.54
CA LEU A 206 -13.15 -14.42 0.59
C LEU A 206 -14.33 -13.61 1.07
N ASN A 207 -14.61 -13.66 2.37
CA ASN A 207 -15.72 -12.90 2.94
C ASN A 207 -15.43 -11.42 2.69
N THR A 208 -14.23 -11.01 3.06
CA THR A 208 -13.80 -9.62 2.89
C THR A 208 -14.05 -9.22 1.45
N LEU A 209 -13.58 -10.05 0.53
CA LEU A 209 -13.76 -9.80 -0.90
C LEU A 209 -15.22 -9.56 -1.24
N ASP A 210 -16.11 -10.32 -0.62
CA ASP A 210 -17.55 -10.21 -0.88
C ASP A 210 -18.18 -8.91 -0.36
N ILE A 211 -17.50 -8.23 0.54
CA ILE A 211 -18.01 -6.97 1.09
C ILE A 211 -17.39 -5.74 0.44
N LEU A 212 -16.19 -5.91 -0.14
CA LEU A 212 -15.49 -4.80 -0.79
C LEU A 212 -16.38 -3.90 -1.65
N LYS A 213 -17.23 -4.48 -2.49
CA LYS A 213 -18.11 -3.69 -3.35
C LYS A 213 -18.89 -2.61 -2.63
N GLU A 214 -19.00 -2.74 -1.31
CA GLU A 214 -19.75 -1.78 -0.52
C GLU A 214 -18.95 -0.52 -0.18
N LYS A 215 -17.63 -0.64 -0.15
CA LYS A 215 -16.77 0.50 0.18
C LYS A 215 -16.64 1.59 -0.88
N LYS A 216 -16.31 2.80 -0.43
CA LYS A 216 -16.18 3.95 -1.32
C LYS A 216 -15.17 3.79 -2.45
N ARG A 217 -13.98 3.31 -2.12
CA ARG A 217 -12.93 3.21 -3.12
C ARG A 217 -11.98 2.07 -2.83
N THR A 218 -12.03 1.05 -3.67
CA THR A 218 -11.20 -0.14 -3.51
C THR A 218 -10.33 -0.48 -4.71
N CYS A 219 -9.33 -1.31 -4.44
CA CYS A 219 -8.39 -1.75 -5.43
C CYS A 219 -7.72 -3.02 -4.92
N ILE A 220 -7.56 -3.99 -5.81
CA ILE A 220 -6.88 -5.20 -5.42
C ILE A 220 -5.51 -5.09 -6.08
N ARG A 221 -4.47 -5.32 -5.29
CA ARG A 221 -3.12 -5.27 -5.83
C ARG A 221 -2.58 -6.69 -5.85
N THR A 222 -1.98 -7.05 -6.97
CA THR A 222 -1.42 -8.38 -7.11
C THR A 222 0.04 -8.22 -7.53
N THR A 223 0.92 -8.89 -6.80
CA THR A 223 2.34 -8.85 -7.09
C THR A 223 2.63 -10.23 -7.68
N LEU A 224 2.92 -10.27 -8.97
CA LEU A 224 3.16 -11.54 -9.65
C LEU A 224 4.63 -11.92 -9.75
N ILE A 225 4.87 -13.23 -9.79
CA ILE A 225 6.22 -13.80 -9.90
C ILE A 225 6.16 -15.02 -10.82
N ARG A 226 7.17 -15.18 -11.67
CA ARG A 226 7.23 -16.29 -12.62
C ARG A 226 6.84 -17.66 -12.07
N GLY A 227 6.10 -18.41 -12.88
CA GLY A 227 5.66 -19.73 -12.49
C GLY A 227 4.90 -19.77 -11.18
N TYR A 228 4.74 -18.62 -10.55
CA TYR A 228 4.03 -18.54 -9.29
C TYR A 228 2.67 -17.85 -9.43
N ASN A 229 2.67 -16.66 -10.03
CA ASN A 229 1.45 -15.88 -10.20
C ASN A 229 1.04 -15.60 -11.64
N ASP A 230 1.98 -15.75 -12.57
CA ASP A 230 1.77 -15.50 -14.00
C ASP A 230 0.39 -15.78 -14.60
N ASP A 231 -0.21 -16.91 -14.26
CA ASP A 231 -1.53 -17.27 -14.81
C ASP A 231 -2.61 -16.28 -14.39
N ILE A 232 -2.45 -15.04 -14.83
CA ILE A 232 -3.37 -13.95 -14.50
C ILE A 232 -4.86 -14.26 -14.62
N LEU A 233 -5.27 -14.92 -15.69
CA LEU A 233 -6.68 -15.25 -15.90
C LEU A 233 -7.26 -16.10 -14.79
N LYS A 234 -6.39 -16.58 -13.91
CA LYS A 234 -6.84 -17.41 -12.79
C LYS A 234 -7.50 -16.54 -11.74
N PHE A 235 -7.19 -15.25 -11.76
CA PHE A 235 -7.74 -14.31 -10.79
C PHE A 235 -9.09 -13.73 -11.18
N VAL A 236 -9.39 -13.76 -12.48
CA VAL A 236 -10.65 -13.21 -13.00
C VAL A 236 -11.88 -13.54 -12.16
N GLU A 237 -12.02 -14.78 -11.71
CA GLU A 237 -13.19 -15.15 -10.91
C GLU A 237 -13.28 -14.30 -9.65
N LEU A 238 -12.15 -14.13 -8.97
CA LEU A 238 -12.12 -13.33 -7.76
C LEU A 238 -12.26 -11.83 -8.08
N TYR A 239 -11.45 -11.35 -9.02
CA TYR A 239 -11.53 -9.95 -9.42
C TYR A 239 -12.99 -9.57 -9.73
N GLU A 240 -13.70 -10.45 -10.43
CA GLU A 240 -15.10 -10.19 -10.78
C GLU A 240 -15.98 -10.28 -9.54
N ARG A 241 -15.64 -11.22 -8.66
CA ARG A 241 -16.38 -11.41 -7.43
C ARG A 241 -16.23 -10.19 -6.54
N ALA A 242 -14.97 -9.82 -6.29
CA ALA A 242 -14.66 -8.65 -5.46
C ALA A 242 -15.37 -7.45 -6.06
N ASP A 243 -15.30 -7.32 -7.37
CA ASP A 243 -15.96 -6.23 -8.07
C ASP A 243 -15.47 -4.86 -7.56
N VAL A 244 -14.16 -4.74 -7.41
CA VAL A 244 -13.53 -3.51 -6.93
C VAL A 244 -13.39 -2.44 -8.00
N HIS A 245 -12.99 -1.24 -7.58
CA HIS A 245 -12.80 -0.13 -8.50
C HIS A 245 -11.58 -0.30 -9.41
N PHE A 246 -10.43 -0.61 -8.81
CA PHE A 246 -9.21 -0.78 -9.59
C PHE A 246 -8.43 -2.03 -9.27
N ILE A 247 -7.57 -2.41 -10.22
CA ILE A 247 -6.69 -3.56 -10.10
C ILE A 247 -5.30 -3.00 -10.36
N GLU A 248 -4.33 -3.42 -9.56
CA GLU A 248 -2.97 -2.97 -9.73
C GLU A 248 -2.10 -4.20 -9.93
N LEU A 249 -1.56 -4.38 -11.13
CA LEU A 249 -0.69 -5.53 -11.38
C LEU A 249 0.72 -5.02 -11.24
N LYS A 250 1.49 -5.65 -10.35
CA LYS A 250 2.85 -5.20 -10.07
C LYS A 250 3.89 -6.30 -10.15
N SER A 251 5.07 -5.92 -10.65
CA SER A 251 6.18 -6.86 -10.77
C SER A 251 6.91 -6.95 -9.44
N TYR A 252 6.96 -8.15 -8.86
CA TYR A 252 7.66 -8.32 -7.59
C TYR A 252 9.14 -8.04 -7.78
N MET A 253 9.73 -7.31 -6.85
CA MET A 253 11.14 -6.97 -6.94
C MET A 253 11.76 -6.86 -5.55
N ASP A 266 15.14 -12.49 -12.74
CA ASP A 266 14.01 -13.35 -13.06
C ASP A 266 12.67 -12.63 -12.86
N MET A 267 12.69 -11.55 -12.07
CA MET A 267 11.49 -10.77 -11.79
C MET A 267 10.88 -10.19 -13.06
N LEU A 268 9.56 -10.36 -13.22
CA LEU A 268 8.86 -9.86 -14.39
C LEU A 268 9.31 -8.47 -14.80
N GLN A 269 9.29 -8.22 -16.10
CA GLN A 269 9.69 -6.93 -16.64
C GLN A 269 8.41 -6.16 -16.99
N HIS A 270 8.53 -4.84 -17.16
CA HIS A 270 7.36 -4.03 -17.45
C HIS A 270 6.49 -4.57 -18.59
N ASP A 271 7.10 -4.87 -19.73
CA ASP A 271 6.37 -5.41 -20.89
C ASP A 271 5.60 -6.68 -20.55
N GLU A 272 6.15 -7.50 -19.67
CA GLU A 272 5.48 -8.72 -19.27
C GLU A 272 4.29 -8.34 -18.41
N ILE A 273 4.45 -7.25 -17.65
CA ILE A 273 3.40 -6.74 -16.78
C ILE A 273 2.30 -6.16 -17.67
N LEU A 274 2.69 -5.45 -18.72
CA LEU A 274 1.74 -4.85 -19.64
C LEU A 274 0.96 -5.92 -20.40
N LYS A 275 1.67 -6.93 -20.93
CA LYS A 275 1.03 -8.02 -21.65
C LYS A 275 0.00 -8.73 -20.78
N LEU A 276 0.41 -9.10 -19.58
CA LEU A 276 -0.48 -9.78 -18.63
C LEU A 276 -1.68 -8.88 -18.36
N ALA A 277 -1.44 -7.58 -18.30
CA ALA A 277 -2.50 -6.61 -18.05
C ALA A 277 -3.45 -6.62 -19.24
N LYS A 278 -2.92 -6.89 -20.42
CA LYS A 278 -3.74 -6.95 -21.63
C LYS A 278 -4.66 -8.14 -21.58
N MET A 279 -4.11 -9.31 -21.26
CA MET A 279 -4.91 -10.52 -21.17
C MET A 279 -6.08 -10.29 -20.21
N LEU A 280 -5.78 -9.74 -19.04
CA LEU A 280 -6.80 -9.48 -18.03
C LEU A 280 -7.88 -8.58 -18.63
N ASP A 281 -7.45 -7.53 -19.32
CA ASP A 281 -8.35 -6.56 -19.95
C ASP A 281 -9.29 -7.21 -20.97
N GLU A 282 -8.79 -8.22 -21.65
CA GLU A 282 -9.58 -8.89 -22.67
C GLU A 282 -10.35 -10.08 -22.14
N ASN A 283 -10.26 -10.32 -20.83
CA ASN A 283 -10.96 -11.45 -20.25
C ASN A 283 -11.72 -11.12 -18.97
N SER A 284 -11.94 -9.84 -18.73
CA SER A 284 -12.66 -9.43 -17.54
C SER A 284 -13.27 -8.05 -17.74
N SER A 285 -13.83 -7.49 -16.66
CA SER A 285 -14.46 -6.18 -16.68
C SER A 285 -13.43 -5.07 -16.45
N TYR A 286 -12.27 -5.44 -15.94
CA TYR A 286 -11.22 -4.48 -15.65
C TYR A 286 -10.39 -4.16 -16.89
N LYS A 287 -10.38 -2.88 -17.25
CA LYS A 287 -9.65 -2.41 -18.43
C LYS A 287 -8.37 -1.64 -18.10
N LEU A 288 -7.37 -1.79 -18.95
CA LEU A 288 -6.10 -1.12 -18.76
C LEU A 288 -6.21 0.38 -19.02
N ILE A 289 -5.82 1.19 -18.03
CA ILE A 289 -5.91 2.64 -18.19
C ILE A 289 -4.62 3.39 -17.92
N ASP A 290 -3.64 2.74 -17.30
CA ASP A 290 -2.39 3.40 -17.02
C ASP A 290 -1.29 2.43 -16.62
N ASP A 291 -0.08 2.95 -16.46
CA ASP A 291 1.06 2.12 -16.09
C ASP A 291 2.24 3.03 -15.79
N SER A 292 3.27 2.46 -15.15
CA SER A 292 4.47 3.20 -14.80
C SER A 292 5.67 2.27 -14.91
N GLU A 293 6.51 2.52 -15.91
CA GLU A 293 7.70 1.69 -16.14
C GLU A 293 8.61 1.67 -14.92
N ASP A 294 8.93 2.85 -14.43
CA ASP A 294 9.82 3.01 -13.29
C ASP A 294 9.49 2.12 -12.09
N SER A 295 8.20 1.83 -11.87
CA SER A 295 7.78 1.00 -10.75
C SER A 295 7.24 -0.35 -11.20
N ARG A 296 7.22 -0.57 -12.51
CA ARG A 296 6.74 -1.81 -13.10
C ARG A 296 5.36 -2.18 -12.56
N VAL A 297 4.39 -1.32 -12.84
CA VAL A 297 3.04 -1.54 -12.36
C VAL A 297 1.99 -1.03 -13.37
N ALA A 298 0.91 -1.80 -13.51
CA ALA A 298 -0.17 -1.44 -14.42
C ALA A 298 -1.48 -1.25 -13.64
N LEU A 299 -2.27 -0.26 -14.05
CA LEU A 299 -3.55 0.04 -13.40
C LEU A 299 -4.73 -0.32 -14.29
N LEU A 300 -5.66 -1.13 -13.77
CA LEU A 300 -6.85 -1.49 -14.54
C LEU A 300 -8.07 -0.91 -13.83
N GLN A 301 -9.11 -0.60 -14.60
CA GLN A 301 -10.31 0.01 -14.05
C GLN A 301 -11.60 -0.78 -14.30
N ASN A 302 -12.39 -0.97 -13.25
CA ASN A 302 -13.65 -1.70 -13.34
C ASN A 302 -14.59 -0.96 -14.28
N GLU A 303 -14.81 -1.56 -15.43
CA GLU A 303 -15.68 -1.03 -16.47
C GLU A 303 -17.11 -0.80 -16.01
N ASN A 304 -17.49 -1.44 -14.90
CA ASN A 304 -18.84 -1.31 -14.37
C ASN A 304 -18.94 -0.27 -13.24
N ARG A 305 -17.83 -0.02 -12.57
CA ARG A 305 -17.81 0.97 -11.49
C ARG A 305 -16.66 1.93 -11.75
N LYS A 306 -16.77 2.68 -12.85
CA LYS A 306 -15.73 3.63 -13.25
C LYS A 306 -15.71 4.91 -12.45
N ILE A 307 -14.67 5.07 -11.64
CA ILE A 307 -14.49 6.28 -10.87
C ILE A 307 -13.16 6.84 -11.36
N ASN A 308 -12.95 8.14 -11.23
CA ASN A 308 -11.69 8.75 -11.65
C ASN A 308 -10.58 8.31 -10.69
N PRO A 309 -9.46 7.82 -11.22
CA PRO A 309 -8.38 7.40 -10.32
C PRO A 309 -7.77 8.61 -9.62
N LYS A 310 -7.93 9.79 -10.21
CA LYS A 310 -7.40 11.02 -9.66
C LYS A 310 -8.18 11.48 -8.42
N LEU A 311 -7.45 11.81 -7.36
CA LEU A 311 -8.10 12.27 -6.14
C LEU A 311 -8.33 13.77 -6.20
#